data_1QSC
#
_entry.id   1QSC
#
_cell.length_a   87.110
_cell.length_b   90.090
_cell.length_c   92.630
_cell.angle_alpha   90.00
_cell.angle_beta   90.00
_cell.angle_gamma   90.00
#
_symmetry.space_group_name_H-M   'P 21 21 21'
#
loop_
_entity.id
_entity.type
_entity.pdbx_description
1 polymer 'TNF RECEPTOR ASSOCIATED FACTOR 2'
2 polymer 'CD40 RECEPTOR'
3 water water
#
loop_
_entity_poly.entity_id
_entity_poly.type
_entity_poly.pdbx_seq_one_letter_code
_entity_poly.pdbx_strand_id
1 'polypeptide(L)'
;QDKIEALSSKVQQLERSIGLKDLA(MSE)ADLEQKVLE(MSE)EASTYDGVFIWKISDFARKRQEAVAGRIPAIFSPAFY
TSRYGYK(MSE)CLRIYLNGDGTGRGTHLSLFFVV(MSE)KGPNDALLRWPFNQKVTL(MSE)LLDQNNREHVIDAFRPD
VTSSSFQRPVND(MSE)NIASGCPLFCPVSK(MSE)EAKNSYVRDDAIFIKAIVDLTGL
;
A,B,C
2 'polypeptide(L)' (ACE)YPIQET D,E,F
#
loop_
_chem_comp.id
_chem_comp.type
_chem_comp.name
_chem_comp.formula
ACE non-polymer 'ACETYL GROUP' 'C2 H4 O'
#
# COMPACT_ATOMS: atom_id res chain seq x y z
N GLN A 13 6.65 37.76 3.48
CA GLN A 13 6.38 36.74 2.43
C GLN A 13 7.14 35.45 2.73
N LEU A 14 8.32 35.57 3.31
CA LEU A 14 9.15 34.43 3.65
C LEU A 14 8.52 33.62 4.79
N GLU A 15 8.11 34.33 5.85
CA GLU A 15 7.48 33.69 7.00
C GLU A 15 6.13 33.12 6.60
N ARG A 16 5.54 33.71 5.55
CA ARG A 16 4.24 33.26 5.05
C ARG A 16 4.37 32.02 4.17
N SER A 17 5.25 32.08 3.18
CA SER A 17 5.47 30.95 2.28
C SER A 17 5.93 29.71 3.03
N ILE A 18 7.00 29.86 3.82
CA ILE A 18 7.55 28.76 4.59
C ILE A 18 6.55 28.25 5.63
N GLY A 19 5.60 29.11 6.01
CA GLY A 19 4.60 28.73 6.99
C GLY A 19 3.57 27.76 6.46
N LEU A 20 2.97 28.10 5.33
CA LEU A 20 1.95 27.25 4.71
C LEU A 20 2.48 25.86 4.37
N LYS A 21 3.62 25.82 3.68
CA LYS A 21 4.25 24.56 3.28
C LYS A 21 4.39 23.55 4.42
N ASP A 22 4.58 24.04 5.64
CA ASP A 22 4.72 23.18 6.80
C ASP A 22 3.44 22.40 7.11
N LEU A 23 2.30 23.03 6.82
CA LEU A 23 0.99 22.41 7.06
C LEU A 23 0.75 21.30 6.04
N ALA A 24 0.87 21.65 4.76
CA ALA A 24 0.66 20.70 3.67
C ALA A 24 1.56 19.48 3.86
N MSE A 25 2.77 19.71 4.39
CA MSE A 25 3.70 18.62 4.66
C MSE A 25 3.17 17.73 5.77
O MSE A 25 3.17 16.50 5.64
CB MSE A 25 5.07 19.16 5.07
CG MSE A 25 6.11 19.12 3.96
SE MSE A 25 6.45 17.45 3.33
CE MSE A 25 7.89 16.98 4.32
N ALA A 26 2.72 18.34 6.86
CA ALA A 26 2.17 17.59 7.97
C ALA A 26 1.08 16.66 7.46
N ASP A 27 0.26 17.17 6.54
CA ASP A 27 -0.81 16.38 5.95
C ASP A 27 -0.24 15.21 5.17
N LEU A 28 0.62 15.53 4.20
CA LEU A 28 1.24 14.50 3.37
C LEU A 28 1.93 13.46 4.26
N GLU A 29 2.66 13.94 5.26
CA GLU A 29 3.35 13.03 6.17
C GLU A 29 2.33 12.20 6.92
N GLN A 30 1.12 12.74 7.07
CA GLN A 30 0.03 12.06 7.74
C GLN A 30 -0.59 11.02 6.81
N LYS A 31 -0.94 11.44 5.60
CA LYS A 31 -1.53 10.55 4.61
C LYS A 31 -0.64 9.32 4.48
N VAL A 32 0.67 9.55 4.39
CA VAL A 32 1.64 8.48 4.25
C VAL A 32 1.74 7.61 5.49
N LEU A 33 1.49 8.21 6.65
CA LEU A 33 1.54 7.47 7.90
C LEU A 33 0.30 6.57 7.98
N GLU A 34 -0.81 7.06 7.44
CA GLU A 34 -2.07 6.31 7.44
C GLU A 34 -1.95 5.11 6.52
N MSE A 35 -1.58 5.37 5.27
CA MSE A 35 -1.42 4.35 4.26
C MSE A 35 -0.63 3.13 4.72
O MSE A 35 -1.00 2.00 4.41
CB MSE A 35 -0.75 4.92 3.02
CG MSE A 35 -1.55 5.96 2.29
SE MSE A 35 -0.57 6.52 0.88
CE MSE A 35 -0.34 4.96 0.01
N GLU A 36 0.46 3.36 5.43
CA GLU A 36 1.28 2.25 5.88
C GLU A 36 0.65 1.41 7.00
N ALA A 37 -0.48 1.87 7.52
CA ALA A 37 -1.17 1.16 8.59
C ALA A 37 -2.45 0.48 8.10
N SER A 38 -3.06 1.06 7.07
CA SER A 38 -4.31 0.53 6.52
C SER A 38 -4.23 -0.89 6.00
N THR A 39 -5.25 -1.68 6.29
CA THR A 39 -5.34 -3.05 5.82
C THR A 39 -6.65 -3.10 5.06
N TYR A 40 -6.87 -4.17 4.30
CA TYR A 40 -8.08 -4.27 3.50
C TYR A 40 -8.83 -5.60 3.59
N ASP A 41 -8.56 -6.37 4.65
CA ASP A 41 -9.22 -7.64 4.83
C ASP A 41 -10.09 -7.67 6.08
N GLY A 42 -10.32 -6.50 6.67
CA GLY A 42 -11.15 -6.44 7.86
C GLY A 42 -10.46 -6.75 9.16
N VAL A 43 -9.19 -7.12 9.10
CA VAL A 43 -8.43 -7.43 10.30
C VAL A 43 -7.42 -6.32 10.53
N PHE A 44 -7.45 -5.74 11.73
CA PHE A 44 -6.56 -4.64 12.05
C PHE A 44 -5.85 -4.83 13.38
N ILE A 45 -4.57 -4.53 13.40
CA ILE A 45 -3.79 -4.63 14.63
C ILE A 45 -3.21 -3.25 14.83
N TRP A 46 -3.61 -2.64 15.93
CA TRP A 46 -3.20 -1.29 16.30
C TRP A 46 -2.17 -1.35 17.42
N LYS A 47 -0.98 -0.80 17.16
CA LYS A 47 0.05 -0.78 18.17
C LYS A 47 0.11 0.59 18.79
N ILE A 48 -0.06 0.66 20.11
CA ILE A 48 -0.02 1.92 20.82
C ILE A 48 1.26 1.97 21.66
N SER A 49 2.21 2.78 21.22
CA SER A 49 3.50 2.94 21.88
C SER A 49 3.46 4.12 22.84
N ASP A 50 4.49 4.26 23.65
CA ASP A 50 4.58 5.36 24.60
C ASP A 50 3.30 5.33 25.44
N PHE A 51 2.92 4.13 25.84
CA PHE A 51 1.71 3.89 26.63
C PHE A 51 1.62 4.72 27.89
N ALA A 52 2.64 4.61 28.74
CA ALA A 52 2.68 5.34 30.00
C ALA A 52 2.26 6.80 29.86
N ARG A 53 2.87 7.52 28.93
CA ARG A 53 2.54 8.92 28.72
C ARG A 53 1.12 9.10 28.24
N LYS A 54 0.73 8.32 27.24
CA LYS A 54 -0.63 8.42 26.70
C LYS A 54 -1.64 8.12 27.79
N ARG A 55 -1.36 7.10 28.60
CA ARG A 55 -2.22 6.72 29.70
C ARG A 55 -2.37 7.90 30.65
N GLN A 56 -1.25 8.58 30.92
CA GLN A 56 -1.25 9.71 31.82
C GLN A 56 -2.06 10.87 31.25
N GLU A 57 -1.84 11.18 29.98
CA GLU A 57 -2.56 12.27 29.34
C GLU A 57 -4.06 12.06 29.37
N ALA A 58 -4.48 10.80 29.54
CA ALA A 58 -5.90 10.49 29.59
C ALA A 58 -6.42 10.66 31.02
N VAL A 59 -5.62 10.21 31.98
CA VAL A 59 -6.00 10.34 33.39
C VAL A 59 -6.04 11.83 33.71
N ALA A 60 -5.04 12.57 33.25
CA ALA A 60 -4.94 14.00 33.47
C ALA A 60 -6.07 14.75 32.78
N GLY A 61 -6.70 14.09 31.80
CA GLY A 61 -7.81 14.71 31.11
C GLY A 61 -7.43 15.61 29.94
N ARG A 62 -6.14 15.68 29.60
CA ARG A 62 -5.71 16.50 28.47
C ARG A 62 -6.06 15.86 27.12
N ILE A 63 -5.82 14.54 27.01
CA ILE A 63 -6.12 13.80 25.80
C ILE A 63 -6.90 12.56 26.21
N PRO A 64 -8.23 12.69 26.32
CA PRO A 64 -9.11 11.59 26.72
C PRO A 64 -9.11 10.39 25.78
N ALA A 65 -9.08 10.64 24.48
CA ALA A 65 -9.14 9.54 23.53
C ALA A 65 -8.18 9.63 22.36
N ILE A 66 -7.94 8.49 21.73
CA ILE A 66 -7.06 8.43 20.58
C ILE A 66 -7.75 7.65 19.48
N PHE A 67 -7.59 8.12 18.24
CA PHE A 67 -8.15 7.42 17.09
C PHE A 67 -7.01 6.61 16.48
N SER A 68 -7.33 5.42 16.00
CA SER A 68 -6.33 4.58 15.36
C SER A 68 -6.35 4.91 13.87
N PRO A 69 -5.34 4.45 13.12
CA PRO A 69 -5.35 4.72 11.68
C PRO A 69 -6.53 3.99 11.09
N ALA A 70 -6.97 4.39 9.90
CA ALA A 70 -8.11 3.75 9.26
C ALA A 70 -7.77 2.41 8.63
N PHE A 71 -8.78 1.56 8.48
CA PHE A 71 -8.62 0.26 7.83
C PHE A 71 -9.92 -0.06 7.10
N TYR A 72 -9.88 -1.06 6.22
CA TYR A 72 -11.05 -1.37 5.41
C TYR A 72 -11.47 -2.84 5.37
N THR A 73 -12.71 -3.08 4.94
CA THR A 73 -13.23 -4.44 4.85
C THR A 73 -12.80 -5.07 3.52
N SER A 74 -12.44 -4.22 2.56
CA SER A 74 -11.99 -4.65 1.24
C SER A 74 -11.36 -3.42 0.59
N ARG A 75 -10.69 -3.60 -0.54
CA ARG A 75 -10.04 -2.51 -1.22
C ARG A 75 -10.94 -1.30 -1.46
N TYR A 76 -12.19 -1.55 -1.78
CA TYR A 76 -13.14 -0.47 -2.01
C TYR A 76 -14.35 -0.62 -1.09
N GLY A 77 -14.11 -1.13 0.12
CA GLY A 77 -15.18 -1.33 1.06
C GLY A 77 -15.37 -0.21 2.06
N TYR A 78 -15.91 -0.55 3.23
CA TYR A 78 -16.14 0.43 4.27
C TYR A 78 -14.83 0.89 4.86
N LYS A 79 -14.79 2.14 5.29
CA LYS A 79 -13.61 2.71 5.90
C LYS A 79 -13.94 2.75 7.39
N MSE A 80 -13.01 2.32 8.22
CA MSE A 80 -13.26 2.27 9.65
C MSE A 80 -11.98 2.57 10.43
O MSE A 80 -10.88 2.57 9.89
CB MSE A 80 -13.73 0.87 10.05
CG MSE A 80 -14.79 0.27 9.13
SE MSE A 80 -14.84 -1.55 9.17
CE MSE A 80 -13.35 -1.91 8.28
N CYS A 81 -12.16 2.85 11.72
CA CYS A 81 -11.03 3.06 12.62
C CYS A 81 -11.54 2.77 14.02
N LEU A 82 -10.62 2.78 14.98
CA LEU A 82 -10.99 2.51 16.37
C LEU A 82 -10.73 3.77 17.16
N ARG A 83 -11.39 3.88 18.31
CA ARG A 83 -11.16 5.00 19.20
C ARG A 83 -11.05 4.42 20.59
N ILE A 84 -9.99 4.79 21.28
CA ILE A 84 -9.76 4.28 22.62
C ILE A 84 -9.67 5.41 23.65
N TYR A 85 -10.09 5.09 24.87
CA TYR A 85 -10.03 6.01 26.00
C TYR A 85 -9.25 5.24 27.05
N LEU A 86 -7.96 5.55 27.17
CA LEU A 86 -7.09 4.84 28.11
C LEU A 86 -7.54 4.94 29.55
N ASN A 87 -8.45 5.87 29.83
CA ASN A 87 -8.97 6.03 31.18
C ASN A 87 -10.50 5.98 31.19
N GLY A 88 -11.06 5.26 30.23
CA GLY A 88 -12.50 5.09 30.15
C GLY A 88 -13.36 6.25 29.69
N ASP A 89 -14.59 5.91 29.30
CA ASP A 89 -15.57 6.88 28.85
C ASP A 89 -16.94 6.45 29.34
N GLY A 90 -17.80 7.42 29.61
CA GLY A 90 -19.14 7.11 30.07
C GLY A 90 -19.16 6.23 31.31
N THR A 91 -19.95 5.16 31.24
CA THR A 91 -20.08 4.23 32.36
C THR A 91 -18.77 3.58 32.77
N GLY A 92 -17.72 3.78 31.98
CA GLY A 92 -16.44 3.20 32.32
C GLY A 92 -15.41 4.26 32.68
N ARG A 93 -15.87 5.51 32.73
CA ARG A 93 -14.99 6.62 33.07
C ARG A 93 -14.18 6.39 34.34
N GLY A 94 -12.86 6.46 34.21
CA GLY A 94 -11.98 6.29 35.35
C GLY A 94 -11.77 4.90 35.91
N THR A 95 -12.63 3.94 35.54
CA THR A 95 -12.50 2.58 36.05
C THR A 95 -12.05 1.56 35.01
N HIS A 96 -12.35 1.83 33.74
CA HIS A 96 -12.00 0.91 32.67
C HIS A 96 -11.27 1.53 31.50
N LEU A 97 -10.85 0.65 30.60
CA LEU A 97 -10.23 1.06 29.37
C LEU A 97 -11.45 0.93 28.48
N SER A 98 -11.80 1.99 27.76
CA SER A 98 -12.96 1.92 26.89
C SER A 98 -12.47 1.86 25.45
N LEU A 99 -13.03 0.94 24.68
CA LEU A 99 -12.64 0.77 23.29
C LEU A 99 -13.86 0.81 22.37
N PHE A 100 -13.80 1.65 21.34
CA PHE A 100 -14.91 1.79 20.40
C PHE A 100 -14.55 1.56 18.94
N PHE A 101 -15.57 1.27 18.15
CA PHE A 101 -15.44 1.04 16.71
C PHE A 101 -16.02 2.27 16.04
N VAL A 102 -15.40 2.71 14.94
CA VAL A 102 -15.86 3.89 14.23
C VAL A 102 -16.07 3.70 12.73
N VAL A 103 -17.26 4.03 12.24
CA VAL A 103 -17.51 3.94 10.82
C VAL A 103 -17.16 5.31 10.27
N MSE A 104 -16.20 5.35 9.35
CA MSE A 104 -15.76 6.60 8.77
C MSE A 104 -16.34 6.84 7.39
O MSE A 104 -16.81 5.92 6.74
CB MSE A 104 -14.22 6.62 8.66
CG MSE A 104 -13.49 6.35 9.97
SE MSE A 104 -11.69 6.49 9.79
CE MSE A 104 -11.50 8.25 9.77
N LYS A 105 -16.28 8.09 6.95
CA LYS A 105 -16.76 8.44 5.62
C LYS A 105 -15.78 7.86 4.59
N GLY A 106 -16.24 6.90 3.79
CA GLY A 106 -15.38 6.29 2.81
C GLY A 106 -15.51 6.89 1.42
N PRO A 107 -14.52 6.66 0.54
CA PRO A 107 -14.55 7.21 -0.83
C PRO A 107 -15.64 6.56 -1.66
N ASN A 108 -15.92 5.29 -1.37
CA ASN A 108 -16.91 4.50 -2.10
C ASN A 108 -18.21 4.25 -1.36
N ASP A 109 -18.51 5.05 -0.34
CA ASP A 109 -19.73 4.86 0.42
C ASP A 109 -20.98 4.70 -0.46
N ALA A 110 -21.07 5.52 -1.51
CA ALA A 110 -22.22 5.48 -2.40
C ALA A 110 -22.42 4.12 -3.05
N LEU A 111 -21.36 3.31 -3.10
CA LEU A 111 -21.46 1.98 -3.70
C LEU A 111 -21.75 0.89 -2.68
N LEU A 112 -21.72 1.24 -1.40
CA LEU A 112 -21.94 0.26 -0.35
C LEU A 112 -23.37 0.22 0.20
N ARG A 113 -23.70 -0.88 0.86
CA ARG A 113 -25.02 -1.03 1.45
C ARG A 113 -25.04 -0.43 2.85
N TRP A 114 -26.08 0.34 3.15
CA TRP A 114 -26.22 0.97 4.45
C TRP A 114 -27.56 0.58 5.06
N PRO A 115 -27.65 0.54 6.40
CA PRO A 115 -26.57 0.82 7.36
C PRO A 115 -25.51 -0.28 7.47
N PHE A 116 -24.38 0.04 8.09
CA PHE A 116 -23.28 -0.90 8.30
C PHE A 116 -23.86 -2.02 9.16
N ASN A 117 -23.71 -3.26 8.72
CA ASN A 117 -24.24 -4.38 9.49
C ASN A 117 -23.30 -5.57 9.64
N GLN A 118 -22.02 -5.31 9.94
CA GLN A 118 -21.07 -6.39 10.10
C GLN A 118 -20.70 -6.59 11.56
N LYS A 119 -20.50 -7.85 11.95
CA LYS A 119 -20.11 -8.17 13.32
C LYS A 119 -18.69 -7.68 13.54
N VAL A 120 -18.44 -7.11 14.71
CA VAL A 120 -17.12 -6.60 15.04
C VAL A 120 -16.60 -7.21 16.32
N THR A 121 -15.33 -7.60 16.29
CA THR A 121 -14.71 -8.21 17.46
C THR A 121 -13.50 -7.38 17.83
N LEU A 122 -13.42 -6.96 19.09
CA LEU A 122 -12.30 -6.15 19.56
C LEU A 122 -11.49 -6.93 20.56
N MSE A 123 -10.18 -6.72 20.54
CA MSE A 123 -9.30 -7.45 21.43
C MSE A 123 -8.13 -6.64 21.94
O MSE A 123 -7.60 -5.79 21.25
CB MSE A 123 -8.74 -8.69 20.74
CG MSE A 123 -9.76 -9.61 20.09
SE MSE A 123 -8.94 -10.95 19.13
CE MSE A 123 -8.06 -11.76 20.42
N LEU A 124 -7.77 -6.91 23.19
CA LEU A 124 -6.60 -6.30 23.81
C LEU A 124 -5.72 -7.54 23.89
N LEU A 125 -4.64 -7.56 23.13
CA LEU A 125 -3.78 -8.73 23.11
C LEU A 125 -2.83 -8.90 24.28
N ASP A 126 -2.73 -10.14 24.73
CA ASP A 126 -1.83 -10.53 25.80
C ASP A 126 -0.52 -10.76 25.07
N GLN A 127 0.53 -10.03 25.45
CA GLN A 127 1.81 -10.22 24.77
C GLN A 127 2.55 -11.46 25.23
N ASN A 128 1.83 -12.33 25.93
CA ASN A 128 2.35 -13.61 26.41
C ASN A 128 1.42 -14.69 25.83
N ASN A 129 0.71 -14.31 24.76
CA ASN A 129 -0.23 -15.18 24.09
C ASN A 129 -1.10 -16.01 25.04
N ARG A 130 -1.30 -15.51 26.24
CA ARG A 130 -2.12 -16.19 27.24
C ARG A 130 -3.60 -15.84 27.04
N GLU A 131 -4.16 -15.12 28.01
CA GLU A 131 -5.56 -14.73 27.94
C GLU A 131 -5.73 -13.34 27.33
N HIS A 132 -6.37 -13.28 26.18
CA HIS A 132 -6.62 -12.02 25.48
C HIS A 132 -7.96 -11.45 25.93
N VAL A 133 -8.02 -10.14 26.12
CA VAL A 133 -9.30 -9.53 26.50
C VAL A 133 -10.07 -9.45 25.20
N ILE A 134 -11.25 -10.06 25.16
CA ILE A 134 -12.06 -10.08 23.96
C ILE A 134 -13.52 -9.75 24.21
N ASP A 135 -14.12 -9.08 23.23
CA ASP A 135 -15.53 -8.74 23.28
C ASP A 135 -15.94 -8.52 21.84
N ALA A 136 -17.18 -8.83 21.53
CA ALA A 136 -17.70 -8.68 20.19
C ALA A 136 -19.10 -8.08 20.25
N PHE A 137 -19.62 -7.68 19.10
CA PHE A 137 -20.96 -7.11 19.07
C PHE A 137 -21.51 -7.05 17.66
N ARG A 138 -22.83 -7.01 17.57
CA ARG A 138 -23.47 -6.89 16.27
C ARG A 138 -24.04 -5.49 16.25
N PRO A 139 -23.86 -4.77 15.14
CA PRO A 139 -24.38 -3.41 15.05
C PRO A 139 -25.88 -3.29 15.29
N ASP A 140 -26.26 -2.14 15.81
CA ASP A 140 -27.66 -1.84 16.03
C ASP A 140 -27.93 -1.04 14.74
N VAL A 141 -28.50 -1.70 13.74
CA VAL A 141 -28.74 -1.05 12.45
C VAL A 141 -29.52 0.26 12.47
N THR A 142 -30.15 0.59 13.60
CA THR A 142 -30.90 1.83 13.68
C THR A 142 -30.07 2.92 14.35
N SER A 143 -28.93 2.53 14.92
CA SER A 143 -28.06 3.49 15.59
C SER A 143 -27.39 4.42 14.57
N SER A 144 -27.20 5.67 14.96
CA SER A 144 -26.56 6.67 14.10
C SER A 144 -25.10 6.31 13.84
N SER A 145 -24.53 5.47 14.69
CA SER A 145 -23.15 5.05 14.57
C SER A 145 -22.94 4.20 13.34
N PHE A 146 -24.02 3.67 12.79
CA PHE A 146 -23.91 2.78 11.63
C PHE A 146 -24.63 3.20 10.35
N GLN A 147 -25.16 4.41 10.32
CA GLN A 147 -25.82 4.90 9.10
C GLN A 147 -24.71 5.44 8.19
N ARG A 148 -25.04 5.78 6.95
CA ARG A 148 -24.03 6.32 6.05
C ARG A 148 -23.46 7.60 6.62
N PRO A 149 -22.12 7.68 6.74
CA PRO A 149 -21.47 8.88 7.28
C PRO A 149 -21.79 10.15 6.52
N VAL A 150 -22.02 11.22 7.28
CA VAL A 150 -22.31 12.53 6.71
C VAL A 150 -21.06 13.38 6.93
N ASN A 151 -20.41 13.15 8.07
CA ASN A 151 -19.20 13.87 8.41
C ASN A 151 -18.03 12.91 8.23
N ASP A 152 -16.84 13.31 8.65
CA ASP A 152 -15.66 12.46 8.52
C ASP A 152 -15.86 11.16 9.30
N MSE A 153 -16.38 11.27 10.51
CA MSE A 153 -16.60 10.10 11.35
C MSE A 153 -17.96 10.07 12.05
O MSE A 153 -18.43 11.08 12.54
CB MSE A 153 -15.52 10.00 12.42
CG MSE A 153 -14.13 9.76 11.89
SE MSE A 153 -12.92 9.73 13.21
CE MSE A 153 -12.68 11.49 13.47
N ASN A 154 -18.57 8.88 12.07
CA ASN A 154 -19.84 8.70 12.77
C ASN A 154 -19.45 8.62 14.24
N ILE A 155 -20.45 8.64 15.13
CA ILE A 155 -20.20 8.54 16.56
C ILE A 155 -19.68 7.12 16.84
N ALA A 156 -18.61 7.03 17.63
CA ALA A 156 -18.03 5.72 17.94
C ALA A 156 -19.00 4.91 18.78
N SER A 157 -18.94 3.60 18.62
CA SER A 157 -19.80 2.71 19.36
C SER A 157 -19.03 1.43 19.68
N GLY A 158 -19.24 0.89 20.87
CA GLY A 158 -18.52 -0.30 21.24
C GLY A 158 -18.57 -0.73 22.69
N CYS A 159 -17.42 -0.71 23.35
CA CYS A 159 -17.32 -1.19 24.73
C CYS A 159 -16.74 -0.24 25.78
N PRO A 160 -17.62 0.44 26.53
CA PRO A 160 -17.20 1.38 27.57
C PRO A 160 -16.53 0.65 28.75
N LEU A 161 -16.86 -0.62 28.91
CA LEU A 161 -16.30 -1.43 30.00
C LEU A 161 -15.49 -2.59 29.41
N PHE A 162 -14.66 -2.29 28.43
CA PHE A 162 -13.85 -3.30 27.77
C PHE A 162 -12.90 -4.05 28.70
N CYS A 163 -12.09 -3.31 29.44
CA CYS A 163 -11.11 -3.92 30.32
C CYS A 163 -10.84 -3.08 31.57
N PRO A 164 -10.94 -3.70 32.75
CA PRO A 164 -10.70 -2.98 34.01
C PRO A 164 -9.31 -2.34 33.96
N VAL A 165 -9.22 -1.08 34.38
CA VAL A 165 -7.95 -0.36 34.35
C VAL A 165 -6.88 -1.06 35.19
N SER A 166 -7.27 -2.06 35.95
CA SER A 166 -6.34 -2.78 36.80
C SER A 166 -5.69 -3.96 36.08
N LYS A 167 -6.44 -4.63 35.21
CA LYS A 167 -5.91 -5.77 34.48
C LYS A 167 -4.57 -5.39 33.87
N MSE A 168 -4.51 -4.20 33.27
CA MSE A 168 -3.28 -3.70 32.65
C MSE A 168 -2.54 -2.78 33.62
O MSE A 168 -2.04 -1.74 33.23
CB MSE A 168 -3.60 -2.94 31.36
CG MSE A 168 -4.69 -1.89 31.53
SE MSE A 168 -4.88 -0.82 30.08
CE MSE A 168 -4.71 0.80 30.85
N GLU A 169 -2.49 -3.19 34.88
CA GLU A 169 -1.82 -2.41 35.92
C GLU A 169 -0.30 -2.54 35.88
N ALA A 170 0.29 -2.92 37.00
CA ALA A 170 1.73 -3.08 37.13
C ALA A 170 2.28 -4.29 36.37
N LYS A 171 2.29 -5.45 37.04
CA LYS A 171 2.80 -6.68 36.45
C LYS A 171 1.75 -7.46 35.68
N ASN A 172 1.66 -7.20 34.38
CA ASN A 172 0.71 -7.87 33.52
C ASN A 172 1.32 -8.09 32.14
N SER A 173 0.67 -8.93 31.33
CA SER A 173 1.16 -9.25 30.00
C SER A 173 0.53 -8.46 28.84
N TYR A 174 -0.23 -7.42 29.15
CA TYR A 174 -0.83 -6.62 28.09
C TYR A 174 0.08 -5.45 27.75
N VAL A 175 0.67 -4.85 28.77
CA VAL A 175 1.59 -3.76 28.57
C VAL A 175 3.01 -4.32 28.65
N ARG A 176 3.78 -4.12 27.59
CA ARG A 176 5.15 -4.61 27.51
C ARG A 176 5.95 -3.61 26.69
N ASP A 177 7.15 -3.30 27.15
CA ASP A 177 8.01 -2.33 26.45
C ASP A 177 7.23 -1.05 26.20
N ASP A 178 6.38 -0.70 27.17
CA ASP A 178 5.56 0.50 27.14
C ASP A 178 4.70 0.59 25.87
N ALA A 179 4.05 -0.51 25.53
CA ALA A 179 3.19 -0.58 24.35
C ALA A 179 2.15 -1.66 24.51
N ILE A 180 1.02 -1.48 23.83
CA ILE A 180 -0.05 -2.45 23.86
C ILE A 180 -0.52 -2.68 22.44
N PHE A 181 -1.20 -3.79 22.20
CA PHE A 181 -1.70 -4.09 20.88
C PHE A 181 -3.19 -4.31 20.96
N ILE A 182 -3.92 -3.60 20.12
CA ILE A 182 -5.37 -3.72 20.05
C ILE A 182 -5.64 -4.36 18.70
N LYS A 183 -6.54 -5.33 18.66
CA LYS A 183 -6.86 -6.01 17.41
C LYS A 183 -8.35 -5.96 17.15
N ALA A 184 -8.72 -5.69 15.91
CA ALA A 184 -10.12 -5.64 15.54
C ALA A 184 -10.33 -6.60 14.38
N ILE A 185 -11.47 -7.28 14.39
CA ILE A 185 -11.79 -8.22 13.35
C ILE A 185 -13.22 -7.93 12.90
N VAL A 186 -13.36 -7.51 11.65
CA VAL A 186 -14.66 -7.20 11.10
C VAL A 186 -15.09 -8.34 10.19
N ASP A 187 -16.12 -9.05 10.62
CA ASP A 187 -16.67 -10.18 9.89
C ASP A 187 -17.08 -9.68 8.50
N LEU A 188 -16.67 -10.39 7.46
CA LEU A 188 -17.00 -9.99 6.10
C LEU A 188 -18.17 -10.75 5.50
N THR A 189 -18.90 -11.49 6.33
CA THR A 189 -20.03 -12.27 5.87
C THR A 189 -21.09 -11.42 5.16
N GLY A 190 -21.38 -11.77 3.90
CA GLY A 190 -22.39 -11.04 3.16
C GLY A 190 -21.85 -10.00 2.21
N LEU A 191 -20.54 -9.75 2.28
CA LEU A 191 -19.90 -8.76 1.42
C LEU A 191 -19.20 -9.44 0.25
N GLN B 13 18.55 33.61 -5.17
CA GLN B 13 18.66 32.13 -5.13
C GLN B 13 17.71 31.54 -4.09
N LEU B 14 17.48 32.27 -3.00
CA LEU B 14 16.60 31.81 -1.93
C LEU B 14 15.15 31.83 -2.39
N GLU B 15 14.80 32.82 -3.20
CA GLU B 15 13.44 32.95 -3.71
C GLU B 15 13.17 31.81 -4.70
N ARG B 16 14.23 31.35 -5.36
CA ARG B 16 14.13 30.26 -6.33
C ARG B 16 13.77 28.96 -5.64
N SER B 17 14.54 28.60 -4.60
CA SER B 17 14.30 27.36 -3.85
C SER B 17 12.83 27.25 -3.45
N ILE B 18 12.22 28.39 -3.17
CA ILE B 18 10.82 28.43 -2.78
C ILE B 18 9.92 27.92 -3.89
N GLY B 19 10.04 28.50 -5.07
CA GLY B 19 9.23 28.09 -6.21
C GLY B 19 9.52 26.67 -6.65
N LEU B 20 10.72 26.19 -6.37
CA LEU B 20 11.14 24.84 -6.74
C LEU B 20 10.51 23.79 -5.85
N LYS B 21 10.70 23.93 -4.53
CA LYS B 21 10.15 22.99 -3.56
C LYS B 21 8.64 22.85 -3.67
N ASP B 22 7.98 23.91 -4.16
CA ASP B 22 6.53 23.91 -4.32
C ASP B 22 6.02 22.89 -5.33
N LEU B 23 6.78 22.67 -6.39
CA LEU B 23 6.40 21.71 -7.42
C LEU B 23 6.84 20.29 -7.03
N ALA B 24 8.03 20.19 -6.44
CA ALA B 24 8.55 18.89 -6.00
C ALA B 24 7.54 18.27 -5.04
N MSE B 25 6.78 19.13 -4.38
CA MSE B 25 5.76 18.70 -3.43
C MSE B 25 4.54 18.15 -4.16
O MSE B 25 3.98 17.12 -3.78
CB MSE B 25 5.32 19.89 -2.57
CG MSE B 25 4.31 19.52 -1.51
SE MSE B 25 5.09 18.57 -0.21
CE MSE B 25 5.32 19.87 1.00
N ALA B 26 4.12 18.88 -5.20
CA ALA B 26 2.98 18.47 -5.99
C ALA B 26 3.19 17.06 -6.56
N ASP B 27 4.43 16.76 -6.94
CA ASP B 27 4.75 15.44 -7.48
C ASP B 27 4.69 14.36 -6.41
N LEU B 28 5.29 14.64 -5.26
CA LEU B 28 5.29 13.68 -4.16
C LEU B 28 3.86 13.46 -3.69
N GLU B 29 3.08 14.54 -3.64
CA GLU B 29 1.70 14.44 -3.21
C GLU B 29 0.90 13.69 -4.26
N GLN B 30 1.32 13.80 -5.51
CA GLN B 30 0.66 13.11 -6.62
C GLN B 30 1.03 11.63 -6.52
N LYS B 31 2.29 11.36 -6.21
CA LYS B 31 2.79 10.00 -6.07
C LYS B 31 2.09 9.30 -4.92
N VAL B 32 1.76 10.05 -3.87
CA VAL B 32 1.05 9.47 -2.73
C VAL B 32 -0.39 9.21 -3.17
N LEU B 33 -0.93 10.09 -4.00
CA LEU B 33 -2.29 9.95 -4.50
C LEU B 33 -2.40 8.65 -5.30
N GLU B 34 -1.48 8.43 -6.23
CA GLU B 34 -1.47 7.22 -7.05
C GLU B 34 -1.41 6.01 -6.11
N MSE B 35 -0.46 6.03 -5.18
CA MSE B 35 -0.26 4.96 -4.21
C MSE B 35 -1.58 4.52 -3.55
O MSE B 35 -1.89 3.34 -3.48
CB MSE B 35 0.70 5.42 -3.12
CG MSE B 35 2.17 5.31 -3.44
SE MSE B 35 2.91 4.13 -2.27
CE MSE B 35 2.89 5.08 -0.73
N GLU B 36 -2.32 5.50 -3.05
CA GLU B 36 -3.59 5.25 -2.37
C GLU B 36 -4.60 4.53 -3.26
N ALA B 37 -4.43 4.65 -4.57
CA ALA B 37 -5.37 4.06 -5.52
C ALA B 37 -4.98 2.72 -6.14
N SER B 38 -3.69 2.46 -6.30
CA SER B 38 -3.25 1.23 -6.90
C SER B 38 -3.78 -0.03 -6.21
N THR B 39 -4.22 -0.99 -7.01
CA THR B 39 -4.71 -2.26 -6.51
C THR B 39 -3.83 -3.29 -7.21
N TYR B 40 -3.81 -4.51 -6.71
CA TYR B 40 -2.97 -5.53 -7.32
C TYR B 40 -3.66 -6.86 -7.65
N ASP B 41 -4.99 -6.82 -7.79
CA ASP B 41 -5.72 -8.05 -8.11
C ASP B 41 -6.43 -7.95 -9.46
N GLY B 42 -6.13 -6.89 -10.20
CA GLY B 42 -6.74 -6.71 -11.51
C GLY B 42 -8.12 -6.06 -11.50
N VAL B 43 -8.64 -5.77 -10.32
CA VAL B 43 -9.94 -5.14 -10.18
C VAL B 43 -9.72 -3.70 -9.73
N PHE B 44 -10.24 -2.76 -10.50
CA PHE B 44 -10.02 -1.35 -10.20
C PHE B 44 -11.30 -0.52 -10.24
N ILE B 45 -11.48 0.33 -9.22
CA ILE B 45 -12.63 1.22 -9.17
C ILE B 45 -12.10 2.64 -9.14
N TRP B 46 -12.42 3.39 -10.19
CA TRP B 46 -11.97 4.76 -10.36
C TRP B 46 -13.11 5.73 -10.07
N LYS B 47 -12.89 6.60 -9.08
CA LYS B 47 -13.89 7.58 -8.72
C LYS B 47 -13.50 8.94 -9.30
N ILE B 48 -14.38 9.48 -10.14
CA ILE B 48 -14.13 10.77 -10.74
C ILE B 48 -15.07 11.78 -10.10
N SER B 49 -14.51 12.64 -9.27
CA SER B 49 -15.28 13.67 -8.57
C SER B 49 -15.24 14.96 -9.36
N ASP B 50 -16.07 15.92 -8.95
CA ASP B 50 -16.12 17.21 -9.62
C ASP B 50 -16.41 16.96 -11.09
N PHE B 51 -17.33 16.02 -11.33
CA PHE B 51 -17.72 15.61 -12.67
C PHE B 51 -18.18 16.72 -13.59
N ALA B 52 -19.13 17.53 -13.12
CA ALA B 52 -19.68 18.62 -13.93
C ALA B 52 -18.57 19.48 -14.54
N ARG B 53 -17.65 19.90 -13.69
CA ARG B 53 -16.55 20.75 -14.11
C ARG B 53 -15.63 20.05 -15.11
N LYS B 54 -15.30 18.79 -14.86
CA LYS B 54 -14.44 18.03 -15.77
C LYS B 54 -15.18 17.77 -17.09
N ARG B 55 -16.48 17.49 -17.00
CA ARG B 55 -17.30 17.26 -18.19
C ARG B 55 -17.29 18.53 -19.06
N GLN B 56 -17.35 19.68 -18.41
CA GLN B 56 -17.33 20.97 -19.11
C GLN B 56 -16.00 21.19 -19.82
N GLU B 57 -14.91 20.94 -19.11
CA GLU B 57 -13.57 21.10 -19.67
C GLU B 57 -13.35 20.21 -20.90
N ALA B 58 -14.12 19.12 -20.98
CA ALA B 58 -14.01 18.21 -22.10
C ALA B 58 -14.81 18.73 -23.28
N VAL B 59 -16.02 19.19 -23.00
CA VAL B 59 -16.90 19.73 -24.03
C VAL B 59 -16.24 20.98 -24.61
N ALA B 60 -15.66 21.79 -23.74
CA ALA B 60 -14.99 23.02 -24.15
C ALA B 60 -13.71 22.71 -24.91
N GLY B 61 -13.22 21.49 -24.78
CA GLY B 61 -12.00 21.11 -25.48
C GLY B 61 -10.71 21.49 -24.77
N ARG B 62 -10.81 22.00 -23.55
CA ARG B 62 -9.61 22.39 -22.80
C ARG B 62 -8.88 21.17 -22.24
N ILE B 63 -9.64 20.15 -21.85
CA ILE B 63 -9.06 18.90 -21.33
C ILE B 63 -9.90 17.77 -21.90
N PRO B 64 -9.52 17.24 -23.08
CA PRO B 64 -10.24 16.15 -23.74
C PRO B 64 -10.30 14.84 -22.97
N ALA B 65 -9.22 14.49 -22.28
CA ALA B 65 -9.21 13.22 -21.57
C ALA B 65 -8.51 13.26 -20.24
N ILE B 66 -8.80 12.25 -19.42
CA ILE B 66 -8.19 12.11 -18.10
C ILE B 66 -7.69 10.70 -17.93
N PHE B 67 -6.52 10.55 -17.30
CA PHE B 67 -5.97 9.24 -17.02
C PHE B 67 -6.29 8.92 -15.57
N SER B 68 -6.55 7.65 -15.30
CA SER B 68 -6.83 7.20 -13.94
C SER B 68 -5.52 6.78 -13.28
N PRO B 69 -5.54 6.55 -11.96
CA PRO B 69 -4.32 6.12 -11.28
C PRO B 69 -3.99 4.72 -11.82
N ALA B 70 -2.74 4.30 -11.71
CA ALA B 70 -2.34 2.99 -12.20
C ALA B 70 -2.76 1.86 -11.26
N PHE B 71 -2.91 0.66 -11.82
CA PHE B 71 -3.26 -0.51 -11.03
C PHE B 71 -2.56 -1.70 -11.66
N TYR B 72 -2.50 -2.83 -10.96
CA TYR B 72 -1.78 -3.98 -11.48
C TYR B 72 -2.56 -5.29 -11.42
N THR B 73 -2.10 -6.27 -12.19
CA THR B 73 -2.71 -7.59 -12.22
C THR B 73 -2.24 -8.41 -11.02
N SER B 74 -1.07 -8.06 -10.51
CA SER B 74 -0.48 -8.74 -9.35
C SER B 74 0.60 -7.81 -8.82
N ARG B 75 1.15 -8.13 -7.65
CA ARG B 75 2.18 -7.30 -7.04
C ARG B 75 3.34 -6.95 -7.98
N TYR B 76 3.73 -7.88 -8.84
CA TYR B 76 4.80 -7.61 -9.78
C TYR B 76 4.32 -7.94 -11.19
N GLY B 77 3.04 -7.66 -11.45
CA GLY B 77 2.47 -7.94 -12.75
C GLY B 77 2.45 -6.73 -13.68
N TYR B 78 1.50 -6.74 -14.61
CA TYR B 78 1.38 -5.64 -15.57
C TYR B 78 0.88 -4.38 -14.88
N LYS B 79 1.35 -3.23 -15.35
CA LYS B 79 0.93 -1.96 -14.81
C LYS B 79 -0.04 -1.44 -15.85
N MSE B 80 -1.22 -1.01 -15.40
CA MSE B 80 -2.24 -0.52 -16.32
C MSE B 80 -2.97 0.67 -15.73
O MSE B 80 -2.91 0.92 -14.53
CB MSE B 80 -3.28 -1.63 -16.60
CG MSE B 80 -2.68 -3.02 -16.88
SE MSE B 80 -3.77 -4.41 -16.43
CE MSE B 80 -3.74 -4.27 -14.66
N CYS B 81 -3.63 1.43 -16.61
CA CYS B 81 -4.47 2.55 -16.18
C CYS B 81 -5.62 2.68 -17.18
N LEU B 82 -6.54 3.60 -16.92
CA LEU B 82 -7.65 3.81 -17.83
C LEU B 82 -7.57 5.24 -18.36
N ARG B 83 -8.19 5.48 -19.51
CA ARG B 83 -8.21 6.83 -20.04
C ARG B 83 -9.64 7.08 -20.49
N ILE B 84 -10.19 8.20 -20.04
CA ILE B 84 -11.56 8.54 -20.37
C ILE B 84 -11.68 9.90 -21.06
N TYR B 85 -12.62 9.98 -22.01
CA TYR B 85 -12.92 11.21 -22.73
C TYR B 85 -14.39 11.49 -22.39
N LEU B 86 -14.62 12.41 -21.47
CA LEU B 86 -15.97 12.72 -21.02
C LEU B 86 -16.89 13.21 -22.14
N ASN B 87 -16.30 13.64 -23.24
CA ASN B 87 -17.08 14.11 -24.38
C ASN B 87 -16.74 13.31 -25.64
N GLY B 88 -16.35 12.05 -25.45
CA GLY B 88 -16.05 11.17 -26.57
C GLY B 88 -14.77 11.40 -27.36
N ASP B 89 -14.36 10.34 -28.06
CA ASP B 89 -13.16 10.37 -28.90
C ASP B 89 -13.42 9.65 -30.21
N GLY B 90 -12.78 10.12 -31.28
CA GLY B 90 -12.96 9.48 -32.57
C GLY B 90 -14.41 9.31 -32.96
N THR B 91 -14.78 8.09 -33.29
CA THR B 91 -16.15 7.78 -33.71
C THR B 91 -17.22 8.12 -32.67
N GLY B 92 -16.80 8.49 -31.46
CA GLY B 92 -17.74 8.83 -30.41
C GLY B 92 -17.64 10.29 -30.03
N ARG B 93 -16.77 11.01 -30.72
CA ARG B 93 -16.55 12.42 -30.45
C ARG B 93 -17.86 13.20 -30.32
N GLY B 94 -18.04 13.86 -29.19
CA GLY B 94 -19.24 14.66 -28.96
C GLY B 94 -20.56 13.94 -28.72
N THR B 95 -20.65 12.66 -29.07
CA THR B 95 -21.90 11.94 -28.87
C THR B 95 -21.86 10.93 -27.73
N HIS B 96 -20.68 10.40 -27.43
CA HIS B 96 -20.55 9.41 -26.37
C HIS B 96 -19.46 9.70 -25.35
N LEU B 97 -19.43 8.85 -24.34
CA LEU B 97 -18.42 8.92 -23.31
C LEU B 97 -17.48 7.85 -23.84
N SER B 98 -16.21 8.17 -24.00
CA SER B 98 -15.27 7.17 -24.53
C SER B 98 -14.37 6.72 -23.40
N LEU B 99 -14.29 5.40 -23.23
CA LEU B 99 -13.46 4.82 -22.18
C LEU B 99 -12.42 3.86 -22.78
N PHE B 100 -11.16 4.04 -22.41
CA PHE B 100 -10.11 3.19 -22.94
C PHE B 100 -9.25 2.54 -21.86
N PHE B 101 -8.56 1.47 -22.26
CA PHE B 101 -7.67 0.72 -21.38
C PHE B 101 -6.24 1.05 -21.81
N VAL B 102 -5.33 1.20 -20.85
CA VAL B 102 -3.96 1.56 -21.18
C VAL B 102 -2.92 0.67 -20.53
N VAL B 103 -2.04 0.08 -21.34
CA VAL B 103 -0.96 -0.75 -20.82
C VAL B 103 0.20 0.20 -20.60
N MSE B 104 0.64 0.30 -19.35
CA MSE B 104 1.72 1.21 -18.98
C MSE B 104 3.06 0.49 -18.86
O MSE B 104 3.11 -0.73 -18.67
CB MSE B 104 1.41 1.90 -17.65
CG MSE B 104 0.12 2.73 -17.66
SE MSE B 104 -0.10 3.66 -16.12
CE MSE B 104 0.96 5.02 -16.41
N LYS B 105 4.15 1.25 -18.96
CA LYS B 105 5.48 0.68 -18.81
C LYS B 105 5.64 0.31 -17.33
N GLY B 106 5.76 -0.99 -17.06
CA GLY B 106 5.90 -1.46 -15.70
C GLY B 106 7.34 -1.73 -15.29
N PRO B 107 7.62 -1.78 -13.99
CA PRO B 107 8.97 -2.02 -13.47
C PRO B 107 9.50 -3.41 -13.81
N ASN B 108 8.59 -4.38 -13.84
CA ASN B 108 8.92 -5.77 -14.09
C ASN B 108 8.51 -6.26 -15.48
N ASP B 109 8.35 -5.34 -16.43
CA ASP B 109 7.94 -5.75 -17.76
C ASP B 109 8.83 -6.82 -18.35
N ALA B 110 10.12 -6.76 -18.04
CA ALA B 110 11.09 -7.72 -18.56
C ALA B 110 10.81 -9.15 -18.12
N LEU B 111 10.07 -9.28 -17.02
CA LEU B 111 9.73 -10.62 -16.48
C LEU B 111 8.35 -11.11 -16.92
N LEU B 112 7.63 -10.30 -17.66
CA LEU B 112 6.29 -10.68 -18.09
C LEU B 112 6.21 -11.13 -19.55
N ARG B 113 5.15 -11.86 -19.88
CA ARG B 113 4.98 -12.33 -21.25
C ARG B 113 4.28 -11.26 -22.09
N TRP B 114 4.78 -11.05 -23.30
CA TRP B 114 4.21 -10.07 -24.21
C TRP B 114 3.86 -10.76 -25.52
N PRO B 115 2.86 -10.23 -26.25
CA PRO B 115 2.07 -9.05 -25.88
C PRO B 115 1.02 -9.31 -24.81
N PHE B 116 0.46 -8.23 -24.25
CA PHE B 116 -0.56 -8.31 -23.22
C PHE B 116 -1.74 -9.05 -23.85
N ASN B 117 -2.26 -10.06 -23.18
CA ASN B 117 -3.36 -10.81 -23.75
C ASN B 117 -4.42 -11.21 -22.73
N GLN B 118 -4.80 -10.27 -21.87
CA GLN B 118 -5.81 -10.56 -20.86
C GLN B 118 -7.10 -9.85 -21.23
N LYS B 119 -8.22 -10.51 -20.98
CA LYS B 119 -9.53 -9.96 -21.27
C LYS B 119 -9.76 -8.79 -20.32
N VAL B 120 -10.33 -7.71 -20.84
CA VAL B 120 -10.61 -6.53 -20.02
C VAL B 120 -12.11 -6.21 -20.02
N THR B 121 -12.65 -5.89 -18.84
CA THR B 121 -14.06 -5.54 -18.72
C THR B 121 -14.18 -4.13 -18.15
N LEU B 122 -14.85 -3.25 -18.88
CA LEU B 122 -15.00 -1.87 -18.45
C LEU B 122 -16.44 -1.61 -18.03
N MSE B 123 -16.62 -0.87 -16.95
CA MSE B 123 -17.96 -0.60 -16.42
C MSE B 123 -18.19 0.81 -15.93
O MSE B 123 -17.31 1.41 -15.29
CB MSE B 123 -18.27 -1.53 -15.25
CG MSE B 123 -18.14 -3.01 -15.52
SE MSE B 123 -18.36 -3.98 -13.99
CE MSE B 123 -20.05 -3.62 -13.60
N LEU B 124 -19.38 1.34 -16.21
CA LEU B 124 -19.79 2.64 -15.71
C LEU B 124 -20.81 2.19 -14.68
N LEU B 125 -20.52 2.41 -13.41
CA LEU B 125 -21.42 1.95 -12.35
C LEU B 125 -22.65 2.80 -12.13
N ASP B 126 -23.77 2.12 -11.95
CA ASP B 126 -25.06 2.75 -11.66
C ASP B 126 -25.02 2.89 -10.15
N GLN B 127 -25.12 4.12 -9.66
CA GLN B 127 -25.06 4.32 -8.22
C GLN B 127 -26.37 3.96 -7.50
N ASN B 128 -27.23 3.24 -8.22
CA ASN B 128 -28.51 2.75 -7.72
C ASN B 128 -28.48 1.25 -7.98
N ASN B 129 -27.29 0.73 -8.25
CA ASN B 129 -27.06 -0.68 -8.52
C ASN B 129 -27.95 -1.25 -9.64
N ARG B 130 -28.65 -0.37 -10.36
CA ARG B 130 -29.52 -0.79 -11.44
C ARG B 130 -28.76 -1.31 -12.66
N GLU B 131 -29.00 -0.70 -13.82
CA GLU B 131 -28.34 -1.12 -15.05
C GLU B 131 -26.94 -0.52 -15.23
N HIS B 132 -25.92 -1.32 -14.93
CA HIS B 132 -24.53 -0.88 -15.08
C HIS B 132 -24.15 -0.89 -16.56
N VAL B 133 -23.48 0.15 -17.03
CA VAL B 133 -23.05 0.16 -18.43
C VAL B 133 -21.83 -0.73 -18.45
N ILE B 134 -21.88 -1.79 -19.25
CA ILE B 134 -20.79 -2.74 -19.33
C ILE B 134 -20.38 -3.07 -20.75
N ASP B 135 -19.10 -3.36 -20.92
CA ASP B 135 -18.54 -3.75 -22.20
C ASP B 135 -17.21 -4.40 -21.91
N ALA B 136 -16.83 -5.36 -22.74
CA ALA B 136 -15.58 -6.07 -22.54
C ALA B 136 -14.91 -6.30 -23.89
N PHE B 137 -13.68 -6.76 -23.84
CA PHE B 137 -12.96 -7.03 -25.06
C PHE B 137 -11.72 -7.86 -24.79
N ARG B 138 -11.26 -8.55 -25.82
CA ARG B 138 -10.04 -9.33 -25.71
C ARG B 138 -9.05 -8.57 -26.56
N PRO B 139 -7.82 -8.39 -26.05
CA PRO B 139 -6.79 -7.67 -26.80
C PRO B 139 -6.46 -8.25 -28.17
N ASP B 140 -6.10 -7.37 -29.10
CA ASP B 140 -5.68 -7.78 -30.43
C ASP B 140 -4.16 -7.82 -30.23
N VAL B 141 -3.61 -9.02 -30.05
CA VAL B 141 -2.19 -9.16 -29.79
C VAL B 141 -1.25 -8.57 -30.84
N THR B 142 -1.77 -8.18 -31.99
CA THR B 142 -0.94 -7.59 -33.03
C THR B 142 -0.98 -6.07 -32.94
N SER B 143 -1.85 -5.56 -32.08
CA SER B 143 -1.98 -4.13 -31.92
C SER B 143 -0.85 -3.54 -31.08
N SER B 144 -0.45 -2.32 -31.42
CA SER B 144 0.61 -1.65 -30.68
C SER B 144 0.18 -1.34 -29.25
N SER B 145 -1.13 -1.32 -29.01
CA SER B 145 -1.66 -1.03 -27.69
C SER B 145 -1.32 -2.13 -26.69
N PHE B 146 -0.97 -3.32 -27.18
CA PHE B 146 -0.65 -4.41 -26.27
C PHE B 146 0.77 -5.00 -26.34
N GLN B 147 1.66 -4.33 -27.05
CA GLN B 147 3.04 -4.81 -27.13
C GLN B 147 3.75 -4.29 -25.87
N ARG B 148 4.97 -4.74 -25.62
CA ARG B 148 5.68 -4.26 -24.45
C ARG B 148 5.94 -2.76 -24.59
N PRO B 149 5.53 -1.98 -23.58
CA PRO B 149 5.72 -0.54 -23.61
C PRO B 149 7.17 -0.09 -23.83
N VAL B 150 7.32 0.93 -24.69
CA VAL B 150 8.61 1.52 -25.00
C VAL B 150 8.64 2.87 -24.31
N ASN B 151 7.47 3.50 -24.24
CA ASN B 151 7.31 4.79 -23.59
C ASN B 151 6.54 4.54 -22.30
N ASP B 152 6.23 5.61 -21.58
CA ASP B 152 5.51 5.48 -20.32
C ASP B 152 4.16 4.79 -20.52
N MSE B 153 3.45 5.15 -21.59
CA MSE B 153 2.15 4.56 -21.87
C MSE B 153 1.93 4.19 -23.32
O MSE B 153 2.29 4.94 -24.23
CB MSE B 153 1.03 5.53 -21.48
CG MSE B 153 0.88 5.69 -20.00
SE MSE B 153 -0.26 7.01 -19.71
CE MSE B 153 0.87 8.34 -19.52
N ASN B 154 1.33 3.02 -23.55
CA ASN B 154 1.03 2.60 -24.91
C ASN B 154 -0.22 3.36 -25.33
N ILE B 155 -0.53 3.30 -26.62
CA ILE B 155 -1.72 3.95 -27.15
C ILE B 155 -2.91 3.29 -26.47
N ALA B 156 -3.84 4.09 -25.97
CA ALA B 156 -5.02 3.56 -25.30
C ALA B 156 -5.87 2.83 -26.31
N SER B 157 -6.62 1.85 -25.82
CA SER B 157 -7.49 1.08 -26.69
C SER B 157 -8.70 0.62 -25.89
N GLY B 158 -9.86 0.66 -26.51
CA GLY B 158 -11.05 0.25 -25.80
C GLY B 158 -12.38 0.51 -26.47
N CYS B 159 -13.20 1.35 -25.84
CA CYS B 159 -14.54 1.65 -26.34
C CYS B 159 -14.86 3.12 -26.60
N PRO B 160 -14.77 3.56 -27.87
CA PRO B 160 -15.05 4.96 -28.22
C PRO B 160 -16.54 5.29 -28.06
N LEU B 161 -17.39 4.26 -28.14
CA LEU B 161 -18.84 4.43 -28.01
C LEU B 161 -19.31 3.67 -26.78
N PHE B 162 -18.63 3.88 -25.67
CA PHE B 162 -18.95 3.19 -24.43
C PHE B 162 -20.34 3.50 -23.90
N CYS B 163 -20.64 4.79 -23.77
CA CYS B 163 -21.93 5.21 -23.23
C CYS B 163 -22.45 6.52 -23.84
N PRO B 164 -23.70 6.51 -24.34
CA PRO B 164 -24.27 7.73 -24.93
C PRO B 164 -24.17 8.87 -23.92
N VAL B 165 -23.74 10.04 -24.38
CA VAL B 165 -23.58 11.18 -23.50
C VAL B 165 -24.90 11.60 -22.85
N SER B 166 -25.99 10.95 -23.26
CA SER B 166 -27.32 11.24 -22.72
C SER B 166 -27.65 10.36 -21.53
N LYS B 167 -27.12 9.13 -21.53
CA LYS B 167 -27.37 8.18 -20.44
C LYS B 167 -26.85 8.68 -19.10
N MSE B 168 -26.11 9.78 -19.11
CA MSE B 168 -25.56 10.37 -17.89
C MSE B 168 -25.78 11.88 -17.96
O MSE B 168 -24.88 12.67 -17.68
CB MSE B 168 -24.07 10.07 -17.75
CG MSE B 168 -23.22 10.52 -18.94
SE MSE B 168 -21.47 10.65 -18.55
CE MSE B 168 -21.06 12.20 -19.36
N GLU B 169 -26.99 12.27 -18.33
CA GLU B 169 -27.35 13.67 -18.46
C GLU B 169 -27.76 14.29 -17.12
N ALA B 170 -29.00 14.79 -17.05
CA ALA B 170 -29.52 15.43 -15.86
C ALA B 170 -29.82 14.44 -14.73
N LYS B 171 -31.04 13.92 -14.71
CA LYS B 171 -31.44 12.97 -13.66
C LYS B 171 -31.19 11.52 -14.04
N ASN B 172 -30.02 11.02 -13.66
CA ASN B 172 -29.66 9.64 -13.93
C ASN B 172 -28.93 9.09 -12.72
N SER B 173 -28.80 7.77 -12.66
CA SER B 173 -28.15 7.12 -11.53
C SER B 173 -26.64 6.92 -11.67
N TYR B 174 -26.05 7.38 -12.77
CA TYR B 174 -24.61 7.22 -12.94
C TYR B 174 -23.88 8.39 -12.28
N VAL B 175 -24.43 9.58 -12.46
CA VAL B 175 -23.84 10.76 -11.87
C VAL B 175 -24.63 11.06 -10.59
N ARG B 176 -23.92 11.10 -9.47
CA ARG B 176 -24.53 11.39 -8.17
C ARG B 176 -23.52 12.15 -7.33
N ASP B 177 -23.98 13.16 -6.61
CA ASP B 177 -23.08 13.96 -5.77
C ASP B 177 -21.92 14.45 -6.63
N ASP B 178 -22.22 14.73 -7.89
CA ASP B 178 -21.23 15.24 -8.83
C ASP B 178 -20.00 14.33 -8.93
N ALA B 179 -20.24 13.03 -9.06
CA ALA B 179 -19.17 12.05 -9.17
C ALA B 179 -19.65 10.76 -9.86
N ILE B 180 -18.76 10.09 -10.56
CA ILE B 180 -19.11 8.84 -11.24
C ILE B 180 -18.08 7.80 -10.87
N PHE B 181 -18.43 6.53 -11.04
CA PHE B 181 -17.51 5.45 -10.73
C PHE B 181 -17.30 4.57 -11.94
N ILE B 182 -16.05 4.39 -12.32
CA ILE B 182 -15.69 3.55 -13.45
C ILE B 182 -15.01 2.33 -12.83
N LYS B 183 -15.33 1.15 -13.32
CA LYS B 183 -14.75 -0.05 -12.77
C LYS B 183 -14.13 -0.84 -13.90
N ALA B 184 -12.98 -1.43 -13.63
CA ALA B 184 -12.30 -2.23 -14.63
C ALA B 184 -11.94 -3.55 -13.99
N ILE B 185 -12.06 -4.62 -14.77
CA ILE B 185 -11.75 -5.95 -14.30
C ILE B 185 -10.88 -6.63 -15.34
N VAL B 186 -9.65 -6.94 -14.95
CA VAL B 186 -8.72 -7.59 -15.85
C VAL B 186 -8.65 -9.06 -15.49
N ASP B 187 -9.10 -9.91 -16.40
CA ASP B 187 -9.09 -11.36 -16.21
C ASP B 187 -7.66 -11.81 -15.95
N LEU B 188 -7.46 -12.62 -14.92
CA LEU B 188 -6.13 -13.09 -14.58
C LEU B 188 -5.86 -14.51 -15.06
N THR B 189 -6.70 -15.00 -15.95
CA THR B 189 -6.54 -16.35 -16.48
C THR B 189 -5.23 -16.55 -17.24
N GLY B 190 -4.42 -17.49 -16.77
CA GLY B 190 -3.15 -17.78 -17.42
C GLY B 190 -1.93 -17.15 -16.77
N LEU B 191 -2.16 -16.30 -15.78
CA LEU B 191 -1.06 -15.63 -15.08
C LEU B 191 -0.76 -16.32 -13.75
N GLN C 13 20.09 32.66 7.65
CA GLN C 13 19.14 32.09 8.66
C GLN C 13 17.98 31.38 7.95
N LEU C 14 17.30 32.11 7.08
CA LEU C 14 16.17 31.56 6.34
C LEU C 14 16.65 30.48 5.37
N GLU C 15 17.94 30.52 5.05
CA GLU C 15 18.55 29.56 4.16
C GLU C 15 18.62 28.20 4.86
N ARG C 16 18.75 28.23 6.18
CA ARG C 16 18.82 27.00 6.96
C ARG C 16 17.47 26.29 7.00
N SER C 17 16.43 27.04 7.33
CA SER C 17 15.07 26.51 7.41
C SER C 17 14.61 25.88 6.11
N ILE C 18 15.03 26.45 4.99
CA ILE C 18 14.66 25.93 3.68
C ILE C 18 15.29 24.55 3.44
N GLY C 19 16.54 24.40 3.84
CA GLY C 19 17.22 23.12 3.67
C GLY C 19 16.55 22.10 4.57
N LEU C 20 16.10 22.56 5.73
CA LEU C 20 15.42 21.72 6.70
C LEU C 20 14.27 20.97 6.03
N LYS C 21 13.40 21.71 5.36
CA LYS C 21 12.26 21.13 4.68
C LYS C 21 12.71 20.22 3.53
N ASP C 22 13.59 20.73 2.68
CA ASP C 22 14.11 19.97 1.55
C ASP C 22 14.67 18.62 1.97
N LEU C 23 15.20 18.55 3.18
CA LEU C 23 15.76 17.31 3.71
C LEU C 23 14.63 16.39 4.18
N ALA C 24 13.69 16.97 4.93
CA ALA C 24 12.55 16.23 5.44
C ALA C 24 11.72 15.63 4.31
N MSE C 25 11.59 16.37 3.22
CA MSE C 25 10.82 15.90 2.06
C MSE C 25 11.58 14.79 1.34
O MSE C 25 10.99 13.96 0.67
CB MSE C 25 10.55 17.04 1.11
CG MSE C 25 9.70 16.64 -0.08
SE MSE C 25 9.31 18.06 -1.08
CE MSE C 25 10.85 18.27 -1.97
N ALA C 26 12.90 14.81 1.47
CA ALA C 26 13.72 13.79 0.83
C ALA C 26 13.43 12.46 1.54
N ASP C 27 13.30 12.53 2.86
CA ASP C 27 13.01 11.36 3.69
C ASP C 27 11.65 10.78 3.37
N LEU C 28 10.67 11.66 3.21
CA LEU C 28 9.31 11.23 2.91
C LEU C 28 9.29 10.55 1.56
N GLU C 29 10.04 11.11 0.60
CA GLU C 29 10.10 10.51 -0.73
C GLU C 29 10.69 9.11 -0.63
N GLN C 30 11.58 8.92 0.34
CA GLN C 30 12.22 7.64 0.56
C GLN C 30 11.23 6.64 1.12
N LYS C 31 10.46 7.09 2.11
CA LYS C 31 9.45 6.26 2.75
C LYS C 31 8.43 5.77 1.72
N VAL C 32 7.90 6.70 0.94
CA VAL C 32 6.93 6.35 -0.08
C VAL C 32 7.55 5.37 -1.07
N LEU C 33 8.82 5.58 -1.39
CA LEU C 33 9.51 4.68 -2.30
C LEU C 33 9.55 3.29 -1.69
N GLU C 34 9.81 3.23 -0.38
CA GLU C 34 9.88 1.97 0.35
C GLU C 34 8.54 1.25 0.27
N MSE C 35 7.46 1.94 0.63
CA MSE C 35 6.12 1.36 0.59
C MSE C 35 5.79 0.82 -0.78
O MSE C 35 5.20 -0.25 -0.91
CB MSE C 35 5.08 2.39 0.98
CG MSE C 35 5.07 2.77 2.44
SE MSE C 35 3.66 3.81 2.77
CE MSE C 35 4.40 5.38 2.58
N GLU C 36 6.15 1.57 -1.82
CA GLU C 36 5.88 1.14 -3.18
C GLU C 36 6.45 -0.26 -3.42
N ALA C 37 7.44 -0.66 -2.63
CA ALA C 37 8.07 -1.96 -2.81
C ALA C 37 7.72 -3.09 -1.85
N SER C 38 7.27 -2.75 -0.65
CA SER C 38 6.94 -3.78 0.33
C SER C 38 5.81 -4.72 -0.10
N THR C 39 5.95 -5.99 0.24
CA THR C 39 4.92 -6.98 -0.07
C THR C 39 4.62 -7.66 1.25
N TYR C 40 3.49 -8.37 1.32
CA TYR C 40 3.11 -9.02 2.55
C TYR C 40 2.78 -10.50 2.45
N ASP C 41 3.26 -11.16 1.41
CA ASP C 41 3.00 -12.59 1.25
C ASP C 41 4.27 -13.41 1.29
N GLY C 42 5.38 -12.78 1.67
CA GLY C 42 6.64 -13.51 1.74
C GLY C 42 7.38 -13.66 0.43
N VAL C 43 6.79 -13.15 -0.66
CA VAL C 43 7.40 -13.22 -1.97
C VAL C 43 7.86 -11.82 -2.31
N PHE C 44 9.14 -11.68 -2.65
CA PHE C 44 9.69 -10.38 -2.94
C PHE C 44 10.57 -10.38 -4.20
N ILE C 45 10.38 -9.38 -5.04
CA ILE C 45 11.19 -9.27 -6.24
C ILE C 45 11.86 -7.91 -6.17
N TRP C 46 13.18 -7.93 -6.15
CA TRP C 46 13.99 -6.73 -6.05
C TRP C 46 14.62 -6.40 -7.39
N LYS C 47 14.38 -5.19 -7.87
CA LYS C 47 14.95 -4.75 -9.14
C LYS C 47 16.08 -3.78 -8.88
N ILE C 48 17.27 -4.14 -9.35
CA ILE C 48 18.45 -3.31 -9.18
C ILE C 48 18.82 -2.72 -10.54
N SER C 49 18.56 -1.42 -10.69
CA SER C 49 18.87 -0.71 -11.92
C SER C 49 20.21 -0.03 -11.82
N ASP C 50 20.68 0.51 -12.95
CA ASP C 50 21.97 1.20 -12.98
C ASP C 50 23.02 0.23 -12.45
N PHE C 51 22.86 -1.03 -12.85
CA PHE C 51 23.73 -2.11 -12.42
C PHE C 51 25.23 -1.90 -12.62
N ALA C 52 25.63 -1.61 -13.87
CA ALA C 52 27.04 -1.41 -14.19
C ALA C 52 27.75 -0.47 -13.22
N ARG C 53 27.12 0.66 -12.94
CA ARG C 53 27.71 1.64 -12.02
C ARG C 53 27.80 1.07 -10.61
N LYS C 54 26.70 0.47 -10.12
CA LYS C 54 26.68 -0.11 -8.79
C LYS C 54 27.69 -1.22 -8.67
N ARG C 55 27.82 -2.00 -9.74
CA ARG C 55 28.78 -3.10 -9.79
C ARG C 55 30.18 -2.52 -9.63
N GLN C 56 30.41 -1.38 -10.30
CA GLN C 56 31.69 -0.70 -10.24
C GLN C 56 31.99 -0.21 -8.84
N GLU C 57 31.02 0.47 -8.23
CA GLU C 57 31.17 1.00 -6.88
C GLU C 57 31.52 -0.09 -5.89
N ALA C 58 31.13 -1.33 -6.19
CA ALA C 58 31.43 -2.44 -5.29
C ALA C 58 32.85 -2.94 -5.54
N VAL C 59 33.22 -3.10 -6.81
CA VAL C 59 34.57 -3.55 -7.15
C VAL C 59 35.57 -2.52 -6.61
N ALA C 60 35.28 -1.24 -6.81
CA ALA C 60 36.13 -0.16 -6.35
C ALA C 60 36.17 -0.10 -4.83
N GLY C 61 35.24 -0.80 -4.19
CA GLY C 61 35.22 -0.83 -2.73
C GLY C 61 34.58 0.38 -2.06
N ARG C 62 33.99 1.27 -2.83
CA ARG C 62 33.36 2.45 -2.24
C ARG C 62 32.00 2.12 -1.64
N ILE C 63 31.29 1.18 -2.25
CA ILE C 63 29.97 0.75 -1.78
C ILE C 63 29.91 -0.75 -1.94
N PRO C 64 30.41 -1.49 -0.95
CA PRO C 64 30.43 -2.95 -0.96
C PRO C 64 29.07 -3.64 -1.03
N ALA C 65 28.10 -3.09 -0.31
CA ALA C 65 26.79 -3.72 -0.28
C ALA C 65 25.59 -2.79 -0.43
N ILE C 66 24.47 -3.39 -0.78
CA ILE C 66 23.23 -2.66 -0.94
C ILE C 66 22.15 -3.42 -0.24
N PHE C 67 21.27 -2.69 0.44
CA PHE C 67 20.13 -3.30 1.14
C PHE C 67 18.93 -3.11 0.22
N SER C 68 18.04 -4.09 0.20
CA SER C 68 16.83 -3.99 -0.60
C SER C 68 15.75 -3.38 0.29
N PRO C 69 14.61 -3.00 -0.31
CA PRO C 69 13.53 -2.41 0.49
C PRO C 69 13.00 -3.54 1.36
N ALA C 70 12.30 -3.21 2.43
CA ALA C 70 11.77 -4.23 3.32
C ALA C 70 10.49 -4.88 2.79
N PHE C 71 10.24 -6.10 3.23
CA PHE C 71 9.05 -6.84 2.85
C PHE C 71 8.62 -7.71 4.02
N TYR C 72 7.41 -8.27 3.96
CA TYR C 72 6.89 -9.04 5.08
C TYR C 72 6.29 -10.40 4.77
N THR C 73 6.16 -11.22 5.80
CA THR C 73 5.57 -12.56 5.64
C THR C 73 4.05 -12.45 5.67
N SER C 74 3.55 -11.39 6.30
CA SER C 74 2.11 -11.13 6.39
C SER C 74 1.97 -9.67 6.80
N ARG C 75 0.75 -9.15 6.79
CA ARG C 75 0.53 -7.75 7.14
C ARG C 75 1.16 -7.34 8.47
N TYR C 76 1.10 -8.22 9.47
CA TYR C 76 1.70 -7.92 10.76
C TYR C 76 2.73 -8.97 11.12
N GLY C 77 3.39 -9.53 10.10
CA GLY C 77 4.39 -10.55 10.33
C GLY C 77 5.81 -10.04 10.45
N TYR C 78 6.78 -10.90 10.17
CA TYR C 78 8.19 -10.53 10.25
C TYR C 78 8.55 -9.51 9.19
N LYS C 79 9.45 -8.61 9.55
CA LYS C 79 9.92 -7.57 8.64
C LYS C 79 11.29 -8.09 8.18
N MSE C 80 11.51 -8.09 6.87
CA MSE C 80 12.76 -8.61 6.33
C MSE C 80 13.22 -7.79 5.14
O MSE C 80 12.46 -6.99 4.61
CB MSE C 80 12.54 -10.07 5.87
CG MSE C 80 11.77 -10.95 6.85
SE MSE C 80 10.94 -12.37 6.05
CE MSE C 80 9.71 -11.53 5.08
N CYS C 81 14.47 -8.00 4.75
CA CYS C 81 15.02 -7.35 3.57
C CYS C 81 16.18 -8.21 3.11
N LEU C 82 16.78 -7.83 1.99
CA LEU C 82 17.92 -8.60 1.47
C LEU C 82 19.12 -7.68 1.42
N ARG C 83 20.30 -8.27 1.38
CA ARG C 83 21.52 -7.49 1.26
C ARG C 83 22.40 -8.18 0.23
N ILE C 84 22.88 -7.40 -0.73
CA ILE C 84 23.70 -7.96 -1.78
C ILE C 84 25.07 -7.29 -1.84
N TYR C 85 26.07 -8.06 -2.27
CA TYR C 85 27.44 -7.57 -2.45
C TYR C 85 27.76 -7.90 -3.90
N LEU C 86 27.64 -6.92 -4.78
CA LEU C 86 27.88 -7.13 -6.19
C LEU C 86 29.28 -7.64 -6.52
N ASN C 87 30.19 -7.55 -5.56
CA ASN C 87 31.54 -8.04 -5.78
C ASN C 87 31.95 -9.04 -4.69
N GLY C 88 30.96 -9.69 -4.08
CA GLY C 88 31.23 -10.70 -3.06
C GLY C 88 31.55 -10.24 -1.65
N ASP C 89 31.40 -11.17 -0.71
CA ASP C 89 31.68 -10.95 0.70
C ASP C 89 32.27 -12.23 1.28
N GLY C 90 33.18 -12.07 2.23
CA GLY C 90 33.80 -13.23 2.86
C GLY C 90 34.47 -14.19 1.90
N THR C 91 34.07 -15.45 1.97
CA THR C 91 34.63 -16.50 1.13
C THR C 91 34.38 -16.27 -0.35
N GLY C 92 33.50 -15.31 -0.66
CA GLY C 92 33.18 -15.02 -2.06
C GLY C 92 33.71 -13.67 -2.49
N ARG C 93 34.44 -13.00 -1.60
CA ARG C 93 34.97 -11.68 -1.91
C ARG C 93 35.73 -11.68 -3.24
N GLY C 94 35.32 -10.80 -4.15
CA GLY C 94 35.98 -10.68 -5.44
C GLY C 94 35.73 -11.73 -6.51
N THR C 95 35.19 -12.88 -6.13
CA THR C 95 34.95 -13.95 -7.10
C THR C 95 33.47 -14.26 -7.37
N HIS C 96 32.62 -13.94 -6.40
CA HIS C 96 31.20 -14.22 -6.54
C HIS C 96 30.30 -13.03 -6.21
N LEU C 97 29.02 -13.22 -6.48
CA LEU C 97 28.00 -12.24 -6.15
C LEU C 97 27.53 -12.85 -4.85
N SER C 98 27.48 -12.07 -3.78
CA SER C 98 27.03 -12.61 -2.50
C SER C 98 25.67 -12.03 -2.17
N LEU C 99 24.74 -12.91 -1.83
CA LEU C 99 23.38 -12.51 -1.52
C LEU C 99 22.98 -13.03 -0.15
N PHE C 100 22.43 -12.13 0.67
CA PHE C 100 22.03 -12.51 2.03
C PHE C 100 20.61 -12.11 2.38
N PHE C 101 20.08 -12.78 3.40
CA PHE C 101 18.75 -12.53 3.91
C PHE C 101 18.92 -11.77 5.23
N VAL C 102 18.06 -10.79 5.48
CA VAL C 102 18.15 -10.00 6.71
C VAL C 102 16.83 -9.94 7.48
N VAL C 103 16.89 -10.24 8.78
CA VAL C 103 15.70 -10.15 9.62
C VAL C 103 15.78 -8.77 10.24
N MSE C 104 14.77 -7.95 9.99
CA MSE C 104 14.76 -6.59 10.51
C MSE C 104 13.86 -6.46 11.74
O MSE C 104 13.00 -7.31 11.97
CB MSE C 104 14.25 -5.61 9.44
CG MSE C 104 15.03 -5.63 8.14
SE MSE C 104 14.39 -4.42 6.95
CE MSE C 104 15.16 -2.93 7.62
N LYS C 105 14.07 -5.41 12.50
CA LYS C 105 13.25 -5.16 13.68
C LYS C 105 11.88 -4.74 13.18
N GLY C 106 10.86 -5.55 13.45
CA GLY C 106 9.51 -5.23 13.01
C GLY C 106 8.68 -4.58 14.10
N PRO C 107 7.59 -3.89 13.75
CA PRO C 107 6.74 -3.24 14.76
C PRO C 107 6.02 -4.25 15.63
N ASN C 108 5.70 -5.40 15.05
CA ASN C 108 4.96 -6.47 15.74
C ASN C 108 5.83 -7.60 16.25
N ASP C 109 7.13 -7.38 16.38
CA ASP C 109 8.02 -8.44 16.84
C ASP C 109 7.57 -9.10 18.14
N ALA C 110 7.04 -8.31 19.06
CA ALA C 110 6.57 -8.83 20.34
C ALA C 110 5.47 -9.87 20.18
N LEU C 111 4.75 -9.83 19.06
CA LEU C 111 3.67 -10.78 18.83
C LEU C 111 4.09 -12.00 18.03
N LEU C 112 5.33 -12.02 17.57
CA LEU C 112 5.78 -13.14 16.76
C LEU C 112 6.62 -14.15 17.53
N ARG C 113 6.74 -15.36 16.98
CA ARG C 113 7.52 -16.40 17.63
C ARG C 113 8.99 -16.28 17.20
N TRP C 114 9.89 -16.43 18.17
CA TRP C 114 11.31 -16.35 17.88
C TRP C 114 12.01 -17.59 18.42
N PRO C 115 13.15 -17.96 17.82
CA PRO C 115 13.78 -17.27 16.69
C PRO C 115 13.09 -17.52 15.35
N PHE C 116 13.39 -16.67 14.37
CA PHE C 116 12.84 -16.81 13.03
C PHE C 116 13.24 -18.18 12.53
N ASN C 117 12.28 -18.96 12.05
CA ASN C 117 12.58 -20.29 11.58
C ASN C 117 11.86 -20.66 10.30
N GLN C 118 11.86 -19.75 9.32
CA GLN C 118 11.20 -20.03 8.05
C GLN C 118 12.26 -20.29 6.98
N LYS C 119 11.99 -21.24 6.09
CA LYS C 119 12.89 -21.56 5.01
C LYS C 119 12.89 -20.36 4.05
N VAL C 120 14.05 -20.06 3.47
CA VAL C 120 14.19 -18.94 2.56
C VAL C 120 14.79 -19.43 1.26
N THR C 121 14.30 -18.89 0.14
CA THR C 121 14.81 -19.24 -1.19
C THR C 121 15.22 -17.96 -1.88
N LEU C 122 16.47 -17.90 -2.32
CA LEU C 122 16.99 -16.71 -2.98
C LEU C 122 17.21 -17.00 -4.45
N MSE C 123 16.92 -16.02 -5.31
CA MSE C 123 17.06 -16.22 -6.74
C MSE C 123 17.59 -15.03 -7.51
O MSE C 123 17.29 -13.88 -7.20
CB MSE C 123 15.70 -16.59 -7.35
CG MSE C 123 15.00 -17.79 -6.72
SE MSE C 123 13.37 -18.07 -7.45
CE MSE C 123 13.80 -18.41 -9.14
N LEU C 124 18.39 -15.33 -8.53
CA LEU C 124 18.89 -14.30 -9.43
C LEU C 124 18.15 -14.75 -10.68
N LEU C 125 17.21 -13.92 -11.14
CA LEU C 125 16.39 -14.28 -12.29
C LEU C 125 17.05 -14.10 -13.65
N ASP C 126 16.84 -15.09 -14.51
CA ASP C 126 17.33 -15.07 -15.89
C ASP C 126 16.26 -14.26 -16.62
N GLN C 127 16.64 -13.17 -17.26
CA GLN C 127 15.64 -12.37 -17.93
C GLN C 127 15.18 -12.97 -19.27
N ASN C 128 15.55 -14.24 -19.47
CA ASN C 128 15.19 -15.02 -20.65
C ASN C 128 14.45 -16.24 -20.12
N ASN C 129 13.93 -16.09 -18.90
CA ASN C 129 13.18 -17.12 -18.20
C ASN C 129 13.74 -18.53 -18.41
N ARG C 130 15.05 -18.63 -18.60
CA ARG C 130 15.67 -19.93 -18.81
C ARG C 130 16.27 -20.48 -17.51
N GLU C 131 17.59 -20.35 -17.35
CA GLU C 131 18.26 -20.85 -16.15
C GLU C 131 18.43 -19.84 -15.01
N HIS C 132 17.54 -19.91 -14.03
CA HIS C 132 17.58 -19.01 -12.86
C HIS C 132 18.61 -19.50 -11.85
N VAL C 133 19.40 -18.60 -11.30
CA VAL C 133 20.36 -19.00 -10.26
C VAL C 133 19.51 -19.12 -8.98
N ILE C 134 19.48 -20.30 -8.39
CA ILE C 134 18.67 -20.53 -7.20
C ILE C 134 19.43 -21.21 -6.07
N ASP C 135 19.06 -20.87 -4.84
CA ASP C 135 19.67 -21.46 -3.66
C ASP C 135 18.67 -21.24 -2.54
N ALA C 136 18.66 -22.13 -1.57
CA ALA C 136 17.74 -22.03 -0.46
C ALA C 136 18.43 -22.45 0.83
N PHE C 137 17.78 -22.19 1.95
CA PHE C 137 18.37 -22.56 3.21
C PHE C 137 17.34 -22.53 4.33
N ARG C 138 17.64 -23.24 5.41
CA ARG C 138 16.77 -23.26 6.57
C ARG C 138 17.58 -22.56 7.65
N PRO C 139 16.95 -21.64 8.38
CA PRO C 139 17.65 -20.92 9.44
C PRO C 139 18.26 -21.79 10.53
N ASP C 140 19.41 -21.35 11.04
CA ASP C 140 20.10 -22.00 12.12
C ASP C 140 19.53 -21.23 13.32
N VAL C 141 18.57 -21.83 13.99
CA VAL C 141 17.89 -21.19 15.12
C VAL C 141 18.78 -20.67 16.25
N THR C 142 20.04 -21.10 16.29
CA THR C 142 20.95 -20.62 17.34
C THR C 142 21.77 -19.43 16.85
N SER C 143 21.69 -19.15 15.56
CA SER C 143 22.42 -18.04 14.96
C SER C 143 21.84 -16.69 15.40
N SER C 144 22.71 -15.71 15.60
CA SER C 144 22.24 -14.39 16.00
C SER C 144 21.51 -13.71 14.84
N SER C 145 21.64 -14.27 13.64
CA SER C 145 20.95 -13.69 12.49
C SER C 145 19.45 -13.91 12.57
N PHE C 146 19.02 -14.85 13.40
CA PHE C 146 17.59 -15.16 13.50
C PHE C 146 16.94 -14.93 14.88
N GLN C 147 17.69 -14.30 15.78
CA GLN C 147 17.19 -13.97 17.12
C GLN C 147 16.29 -12.75 16.94
N ARG C 148 15.43 -12.48 17.92
CA ARG C 148 14.59 -11.31 17.83
C ARG C 148 15.49 -10.08 17.74
N PRO C 149 15.25 -9.22 16.75
CA PRO C 149 16.06 -8.01 16.53
C PRO C 149 16.14 -7.08 17.74
N VAL C 150 17.35 -6.60 18.00
CA VAL C 150 17.61 -5.68 19.08
C VAL C 150 17.88 -4.33 18.42
N ASN C 151 18.51 -4.37 17.25
CA ASN C 151 18.80 -3.17 16.49
C ASN C 151 17.91 -3.16 15.26
N ASP C 152 18.10 -2.16 14.39
CA ASP C 152 17.29 -2.07 13.19
C ASP C 152 17.41 -3.34 12.34
N MSE C 153 18.62 -3.87 12.19
CA MSE C 153 18.82 -5.08 11.38
C MSE C 153 19.75 -6.12 12.01
O MSE C 153 20.80 -5.78 12.54
CB MSE C 153 19.37 -4.70 10.00
CG MSE C 153 18.37 -3.95 9.15
SE MSE C 153 19.03 -3.44 7.56
CE MSE C 153 20.02 -2.03 8.06
N ASN C 154 19.36 -7.38 11.95
CA ASN C 154 20.20 -8.44 12.47
C ASN C 154 21.33 -8.62 11.46
N ILE C 155 22.34 -9.41 11.83
CA ILE C 155 23.45 -9.71 10.94
C ILE C 155 22.87 -10.50 9.77
N ALA C 156 23.14 -10.06 8.54
CA ALA C 156 22.63 -10.75 7.36
C ALA C 156 23.24 -12.14 7.31
N SER C 157 22.50 -13.08 6.74
CA SER C 157 22.94 -14.45 6.61
C SER C 157 22.39 -15.02 5.31
N GLY C 158 23.19 -15.83 4.63
CA GLY C 158 22.72 -16.40 3.38
C GLY C 158 23.74 -17.13 2.53
N CYS C 159 24.00 -16.58 1.34
CA CYS C 159 24.89 -17.22 0.37
C CYS C 159 26.07 -16.37 -0.12
N PRO C 160 27.26 -16.57 0.46
CA PRO C 160 28.47 -15.83 0.09
C PRO C 160 28.93 -16.18 -1.33
N LEU C 161 28.64 -17.40 -1.74
CA LEU C 161 29.01 -17.89 -3.07
C LEU C 161 27.76 -18.17 -3.90
N PHE C 162 26.84 -17.22 -3.90
CA PHE C 162 25.59 -17.37 -4.62
C PHE C 162 25.76 -17.60 -6.12
N CYS C 163 26.50 -16.72 -6.77
CA CYS C 163 26.69 -16.80 -8.21
C CYS C 163 28.04 -16.24 -8.66
N PRO C 164 28.81 -17.03 -9.44
CA PRO C 164 30.11 -16.58 -9.93
C PRO C 164 30.01 -15.23 -10.66
N VAL C 165 30.93 -14.33 -10.35
CA VAL C 165 30.91 -13.01 -10.96
C VAL C 165 31.01 -13.08 -12.49
N SER C 166 31.26 -14.27 -13.02
CA SER C 166 31.38 -14.46 -14.46
C SER C 166 30.02 -14.72 -15.08
N LYS C 167 29.13 -15.35 -14.31
CA LYS C 167 27.79 -15.66 -14.79
C LYS C 167 27.02 -14.40 -15.17
N MSE C 168 27.35 -13.28 -14.54
CA MSE C 168 26.68 -12.01 -14.84
C MSE C 168 27.67 -10.97 -15.35
O MSE C 168 27.59 -9.80 -15.00
CB MSE C 168 25.97 -11.47 -13.59
CG MSE C 168 26.86 -11.39 -12.37
SE MSE C 168 26.15 -10.37 -11.07
CE MSE C 168 27.54 -9.27 -10.71
N GLU C 169 28.60 -11.41 -16.18
CA GLU C 169 29.61 -10.52 -16.75
C GLU C 169 29.55 -10.49 -18.27
N ALA C 170 29.52 -9.27 -18.82
CA ALA C 170 29.46 -9.06 -20.27
C ALA C 170 28.14 -9.51 -20.90
N LYS C 171 28.21 -10.51 -21.77
CA LYS C 171 27.02 -11.02 -22.46
C LYS C 171 26.34 -12.17 -21.73
N ASN C 172 25.31 -11.85 -20.98
CA ASN C 172 24.54 -12.84 -20.24
C ASN C 172 23.08 -12.40 -20.14
N SER C 173 22.21 -13.33 -19.76
CA SER C 173 20.79 -13.05 -19.66
C SER C 173 20.29 -12.57 -18.28
N TYR C 174 21.20 -12.45 -17.32
CA TYR C 174 20.80 -11.99 -15.99
C TYR C 174 20.79 -10.47 -15.99
N VAL C 175 21.77 -9.88 -16.67
CA VAL C 175 21.85 -8.43 -16.77
C VAL C 175 21.28 -8.02 -18.12
N ARG C 176 20.24 -7.21 -18.10
CA ARG C 176 19.60 -6.72 -19.31
C ARG C 176 19.12 -5.30 -19.04
N ASP C 177 19.33 -4.42 -20.01
CA ASP C 177 18.93 -3.02 -19.85
C ASP C 177 19.58 -2.44 -18.59
N ASP C 178 20.78 -2.93 -18.29
CA ASP C 178 21.54 -2.48 -17.14
C ASP C 178 20.79 -2.65 -15.82
N ALA C 179 20.16 -3.81 -15.65
CA ALA C 179 19.41 -4.09 -14.45
C ALA C 179 19.27 -5.59 -14.24
N ILE C 180 19.15 -6.02 -12.99
CA ILE C 180 18.98 -7.42 -12.66
C ILE C 180 17.81 -7.51 -11.70
N PHE C 181 17.23 -8.70 -11.59
CA PHE C 181 16.12 -8.91 -10.68
C PHE C 181 16.46 -10.04 -9.72
N ILE C 182 16.33 -9.75 -8.42
CA ILE C 182 16.58 -10.74 -7.37
C ILE C 182 15.20 -11.08 -6.81
N LYS C 183 14.98 -12.34 -6.49
CA LYS C 183 13.69 -12.74 -5.94
C LYS C 183 13.90 -13.58 -4.69
N ALA C 184 13.07 -13.31 -3.68
CA ALA C 184 13.14 -14.03 -2.43
C ALA C 184 11.78 -14.63 -2.12
N ILE C 185 11.78 -15.87 -1.65
CA ILE C 185 10.55 -16.55 -1.30
C ILE C 185 10.69 -17.09 0.11
N VAL C 186 9.91 -16.54 1.03
CA VAL C 186 9.93 -16.98 2.41
C VAL C 186 8.78 -17.92 2.65
N ASP C 187 9.10 -19.17 2.95
CA ASP C 187 8.10 -20.20 3.22
C ASP C 187 7.24 -19.75 4.40
N LEU C 188 5.93 -19.81 4.25
CA LEU C 188 5.03 -19.39 5.31
C LEU C 188 4.49 -20.54 6.14
N THR C 189 5.03 -21.74 5.92
CA THR C 189 4.59 -22.93 6.65
C THR C 189 4.70 -22.75 8.16
N GLY C 190 3.58 -22.93 8.86
CA GLY C 190 3.57 -22.80 10.30
C GLY C 190 3.11 -21.46 10.85
N LEU C 191 2.96 -20.47 9.97
CA LEU C 191 2.52 -19.15 10.42
C LEU C 191 1.02 -18.98 10.21
C ACE D 1 -25.25 -6.41 21.74
O ACE D 1 -24.38 -6.54 20.86
CH3 ACE D 1 -25.61 -7.57 22.65
N TYR D 2 -25.91 -5.27 21.92
CA TYR D 2 -25.64 -4.09 21.12
C TYR D 2 -24.50 -3.26 21.69
N PRO D 3 -23.74 -2.59 20.81
CA PRO D 3 -22.60 -1.72 21.11
C PRO D 3 -23.15 -0.50 21.85
N ILE D 4 -22.33 0.12 22.68
CA ILE D 4 -22.74 1.32 23.41
C ILE D 4 -21.95 2.51 22.85
N GLN D 5 -22.64 3.59 22.49
CA GLN D 5 -21.96 4.77 21.94
C GLN D 5 -21.10 5.50 22.94
N GLU D 6 -20.06 6.16 22.41
CA GLU D 6 -19.17 6.96 23.24
C GLU D 6 -20.00 8.16 23.69
N THR D 7 -19.55 8.84 24.73
CA THR D 7 -20.29 10.01 25.22
C THR D 7 -19.61 11.29 24.73
C ACE E 1 -13.84 -7.23 -28.81
O ACE E 1 -12.83 -7.82 -28.43
CH3 ACE E 1 -15.21 -7.60 -28.22
N TYR E 2 -13.82 -6.28 -29.73
CA TYR E 2 -12.60 -5.84 -30.37
C TYR E 2 -12.33 -4.38 -29.95
N PRO E 3 -11.18 -4.12 -29.31
CA PRO E 3 -10.83 -2.76 -28.87
C PRO E 3 -10.49 -1.82 -30.00
N ILE E 4 -10.94 -0.58 -29.89
CA ILE E 4 -10.65 0.44 -30.90
C ILE E 4 -9.68 1.41 -30.24
N GLN E 5 -8.61 1.76 -30.94
CA GLN E 5 -7.63 2.67 -30.37
C GLN E 5 -8.13 4.09 -30.33
N GLU E 6 -7.60 4.84 -29.37
CA GLU E 6 -7.95 6.25 -29.22
C GLU E 6 -7.29 6.91 -30.43
N THR E 7 -7.75 8.10 -30.78
CA THR E 7 -7.18 8.82 -31.90
C THR E 7 -6.14 9.80 -31.36
C ACE F 1 21.17 -24.92 4.81
O ACE F 1 20.26 -24.69 5.61
CH3 ACE F 1 20.87 -25.68 3.54
N TYR F 2 22.42 -24.53 5.00
CA TYR F 2 22.83 -23.79 6.20
C TYR F 2 23.25 -22.38 5.78
N PRO F 3 22.66 -21.35 6.40
CA PRO F 3 23.03 -19.99 6.03
C PRO F 3 24.38 -19.58 6.58
N ILE F 4 25.13 -18.82 5.80
CA ILE F 4 26.42 -18.33 6.25
C ILE F 4 26.27 -16.82 6.47
N GLN F 5 26.76 -16.33 7.60
CA GLN F 5 26.64 -14.91 7.90
C GLN F 5 27.53 -14.05 7.03
N GLU F 6 27.11 -12.81 6.80
CA GLU F 6 27.92 -11.88 6.04
C GLU F 6 29.10 -11.56 6.95
N THR F 7 30.17 -11.00 6.39
CA THR F 7 31.32 -10.65 7.22
C THR F 7 31.30 -9.16 7.44
#